data_5WP2
#
_entry.id   5WP2
#
_cell.length_a   77.856
_cell.length_b   77.856
_cell.length_c   263.615
_cell.angle_alpha   90.000
_cell.angle_beta   90.000
_cell.angle_gamma   120.000
#
_symmetry.space_group_name_H-M   'P 65 2 2'
#
loop_
_entity.id
_entity.type
_entity.pdbx_description
1 polymer 'Mycocyclosin synthase'
2 non-polymer 'PROTOPORPHYRIN IX CONTAINING FE'
3 non-polymer (3S,6S)-3,6-bis(4-hydroxybenzyl)piperazine-2,5-dione
4 non-polymer 'CYANIDE ION'
5 non-polymer 'SULFATE ION'
6 water water
#
_entity_poly.entity_id   1
_entity_poly.type   'polypeptide(L)'
_entity_poly.pdbx_seq_one_letter_code
;TATVLLEVPFSARGDRIPDAVAELRTREPIRKVRTITGAEAWLVSSYALCTQVLEDRRFSMKETAAAGAPRLNALTVPPE
VVNNMGNIADAGLRKAVMKAITPKAPGLEQFLRDTANSLLDNLITEGAPADLRNDFADPLATALHCKVLGIPQEDGPKLF
RSLSIAFMSSADPIPAAKINWDRDIEYMAGILENPNITTGLMGELSRLRKDPAYSHVSDELFATIGVTFFGAGVISTGSF
LTTALISLIQRPQLRNLLHEKPELIPAGVEELLRINLSFADGLPRLATADIQVGDVLVRKGELVLVLLEGANFDPEHFPN
PGSIELDRPNPTSHLAFGRGQHFCPGSALGRRHAQIGIEALLKKMPGVDLAVPIDQLVWRTRFQRRIPERLPVLW
;
_entity_poly.pdbx_strand_id   A
#
loop_
_chem_comp.id
_chem_comp.type
_chem_comp.name
_chem_comp.formula
CYN non-polymer 'CYANIDE ION' 'C N -1'
HEM non-polymer 'PROTOPORPHYRIN IX CONTAINING FE' 'C34 H32 Fe N4 O4'
SO4 non-polymer 'SULFATE ION' 'O4 S -2'
YTT non-polymer (3S,6S)-3,6-bis(4-hydroxybenzyl)piperazine-2,5-dione 'C18 H18 N2 O4'
#
# COMPACT_ATOMS: atom_id res chain seq x y z
C THR A 1 32.21 12.03 16.45
N ALA A 2 31.95 13.32 16.17
CA ALA A 2 30.58 13.79 16.07
C ALA A 2 29.85 13.08 14.95
N THR A 3 28.53 12.93 15.13
CA THR A 3 27.67 12.26 14.17
C THR A 3 26.52 13.18 13.81
N VAL A 4 25.86 12.88 12.69
CA VAL A 4 24.71 13.66 12.23
C VAL A 4 23.44 13.07 12.84
N LEU A 5 22.35 13.83 12.75
CA LEU A 5 21.05 13.38 13.23
C LEU A 5 20.63 12.11 12.50
N LEU A 6 20.05 11.16 13.24
CA LEU A 6 19.61 9.90 12.66
C LEU A 6 18.74 10.13 11.43
N GLU A 7 19.05 9.43 10.35
CA GLU A 7 18.37 9.61 9.07
C GLU A 7 17.35 8.49 8.83
N VAL A 8 16.24 8.87 8.18
CA VAL A 8 15.23 7.89 7.77
C VAL A 8 15.13 7.91 6.25
N PRO A 9 14.77 6.80 5.62
CA PRO A 9 14.46 5.51 6.26
C PRO A 9 15.71 4.72 6.62
N PHE A 10 15.56 3.69 7.45
CA PHE A 10 16.71 2.93 7.93
C PHE A 10 17.24 1.93 6.90
N SER A 11 16.35 1.19 6.23
CA SER A 11 16.78 0.19 5.26
C SER A 11 15.64 -0.05 4.28
N ALA A 12 15.99 -0.19 3.01
CA ALA A 12 15.02 -0.55 1.99
C ALA A 12 14.71 -2.04 1.97
N ARG A 13 15.42 -2.86 2.76
CA ARG A 13 15.13 -4.29 2.75
C ARG A 13 13.79 -4.58 3.39
N GLY A 14 12.94 -5.33 2.68
CA GLY A 14 11.63 -5.71 3.14
C GLY A 14 11.52 -7.11 3.70
N ASP A 15 12.64 -7.82 3.89
CA ASP A 15 12.63 -9.19 4.37
C ASP A 15 13.09 -9.31 5.82
N ARG A 16 13.41 -8.20 6.48
CA ARG A 16 13.77 -8.25 7.89
C ARG A 16 13.62 -6.86 8.47
N ILE A 17 13.27 -6.79 9.76
CA ILE A 17 13.15 -5.51 10.45
C ILE A 17 14.48 -5.15 11.11
N PRO A 18 14.98 -3.93 10.93
CA PRO A 18 16.25 -3.56 11.56
C PRO A 18 16.16 -3.62 13.09
N ASP A 19 17.25 -4.09 13.72
CA ASP A 19 17.28 -4.09 15.17
C ASP A 19 17.08 -2.70 15.75
N ALA A 20 17.37 -1.64 14.99
CA ALA A 20 17.25 -0.29 15.51
C ALA A 20 15.81 0.05 15.86
N VAL A 21 14.85 -0.58 15.19
CA VAL A 21 13.45 -0.25 15.47
C VAL A 21 13.10 -0.55 16.92
N ALA A 22 13.44 -1.75 17.39
CA ALA A 22 13.13 -2.11 18.77
C ALA A 22 13.90 -1.26 19.77
N GLU A 23 15.15 -0.92 19.46
CA GLU A 23 15.91 -0.06 20.36
C GLU A 23 15.26 1.31 20.46
N LEU A 24 14.91 1.90 19.32
CA LEU A 24 14.22 3.19 19.33
C LEU A 24 12.92 3.09 20.12
N ARG A 25 12.15 2.03 19.86
CA ARG A 25 10.85 1.92 20.51
C ARG A 25 11.00 1.88 22.02
N THR A 26 12.00 1.12 22.50
CA THR A 26 12.20 1.00 23.93
C THR A 26 12.74 2.28 24.54
N ARG A 27 13.71 2.91 23.88
CA ARG A 27 14.43 4.02 24.49
C ARG A 27 13.80 5.37 24.19
N GLU A 28 13.27 5.57 22.98
CA GLU A 28 12.83 6.89 22.54
C GLU A 28 11.74 6.71 21.49
N PRO A 29 10.53 6.31 21.93
CA PRO A 29 9.47 5.98 20.98
C PRO A 29 8.94 7.16 20.20
N ILE A 30 9.33 8.38 20.54
CA ILE A 30 9.23 9.51 19.64
C ILE A 30 10.55 10.25 19.69
N ARG A 31 11.17 10.44 18.52
CA ARG A 31 12.49 11.04 18.52
C ARG A 31 12.73 11.71 17.18
N LYS A 32 13.64 12.68 17.18
CA LYS A 32 13.89 13.51 16.02
C LYS A 32 14.76 12.77 15.02
N VAL A 33 14.43 12.90 13.74
CA VAL A 33 15.16 12.30 12.63
C VAL A 33 15.24 13.31 11.50
N ARG A 34 16.10 13.02 10.53
CA ARG A 34 16.21 13.83 9.31
C ARG A 34 15.71 13.01 8.13
N THR A 35 14.87 13.62 7.31
CA THR A 35 14.34 12.95 6.11
C THR A 35 15.25 13.20 4.92
N ILE A 36 14.94 12.53 3.82
CA ILE A 36 15.75 12.64 2.62
C ILE A 36 15.82 14.06 2.07
N THR A 37 14.83 14.93 2.40
CA THR A 37 14.88 16.31 1.92
C THR A 37 15.80 17.18 2.76
N GLY A 38 16.27 16.68 3.90
CA GLY A 38 17.00 17.50 4.85
C GLY A 38 16.15 18.08 5.98
N ALA A 39 14.83 17.92 5.90
CA ALA A 39 13.96 18.39 6.96
C ALA A 39 14.07 17.50 8.20
N GLU A 40 13.78 18.10 9.35
CA GLU A 40 13.67 17.32 10.58
C GLU A 40 12.22 16.88 10.78
N ALA A 41 12.06 15.78 11.49
CA ALA A 41 10.75 15.19 11.72
C ALA A 41 10.79 14.39 13.02
N TRP A 42 9.61 14.12 13.58
CA TRP A 42 9.50 13.24 14.73
C TRP A 42 9.08 11.86 14.27
N LEU A 43 9.90 10.85 14.57
CA LEU A 43 9.59 9.47 14.21
C LEU A 43 8.93 8.80 15.41
N VAL A 44 7.73 8.27 15.20
CA VAL A 44 6.95 7.63 16.25
C VAL A 44 6.95 6.13 15.99
N SER A 45 7.32 5.34 17.02
CA SER A 45 7.58 3.92 16.80
C SER A 45 6.94 2.95 17.79
N SER A 46 6.12 3.42 18.72
CA SER A 46 5.40 2.49 19.59
C SER A 46 3.94 2.43 19.17
N TYR A 47 3.30 1.30 19.46
CA TYR A 47 1.90 1.16 19.13
C TYR A 47 1.07 2.27 19.76
N ALA A 48 1.28 2.54 21.05
CA ALA A 48 0.47 3.53 21.74
C ALA A 48 0.59 4.90 21.09
N LEU A 49 1.82 5.32 20.79
CA LEU A 49 2.00 6.66 20.23
C LEU A 49 1.61 6.73 18.75
N CYS A 50 1.82 5.65 17.99
CA CYS A 50 1.37 5.63 16.61
C CYS A 50 -0.14 5.78 16.53
N THR A 51 -0.87 5.04 17.38
CA THR A 51 -2.31 5.15 17.38
C THR A 51 -2.76 6.54 17.86
N GLN A 52 -2.08 7.11 18.85
CA GLN A 52 -2.43 8.46 19.29
C GLN A 52 -2.38 9.44 18.12
N VAL A 53 -1.28 9.42 17.37
CA VAL A 53 -1.12 10.37 16.26
C VAL A 53 -2.17 10.14 15.19
N LEU A 54 -2.39 8.87 14.81
CA LEU A 54 -3.32 8.59 13.73
C LEU A 54 -4.77 8.90 14.12
N GLU A 55 -5.09 8.85 15.40
CA GLU A 55 -6.47 9.10 15.84
C GLU A 55 -6.74 10.57 16.17
N ASP A 56 -5.74 11.44 16.06
CA ASP A 56 -5.88 12.86 16.38
C ASP A 56 -5.79 13.64 15.07
N ARG A 57 -6.94 14.14 14.58
CA ARG A 57 -6.95 14.85 13.30
C ARG A 57 -6.16 16.14 13.32
N ARG A 58 -5.77 16.63 14.50
CA ARG A 58 -4.90 17.80 14.52
C ARG A 58 -3.53 17.49 13.93
N PHE A 59 -3.15 16.21 13.85
CA PHE A 59 -2.02 15.77 13.03
C PHE A 59 -2.59 15.53 11.64
N SER A 60 -2.35 16.46 10.72
CA SER A 60 -3.12 16.55 9.49
C SER A 60 -2.37 15.94 8.31
N MET A 61 -3.06 15.11 7.52
CA MET A 61 -2.49 14.67 6.26
CA MET A 61 -2.45 14.69 6.27
C MET A 61 -2.51 15.79 5.24
N LYS A 62 -3.66 16.45 5.09
CA LYS A 62 -3.81 17.51 4.10
C LYS A 62 -2.71 18.57 4.23
N GLU A 63 -2.37 18.96 5.45
CA GLU A 63 -1.44 20.06 5.66
C GLU A 63 0.01 19.68 5.35
N THR A 64 0.33 18.40 5.20
CA THR A 64 1.68 18.05 4.76
C THR A 64 2.01 18.64 3.41
N ALA A 65 1.01 18.99 2.60
CA ALA A 65 1.25 19.54 1.27
C ALA A 65 1.44 21.06 1.29
N ALA A 66 1.38 21.70 2.45
CA ALA A 66 1.49 23.15 2.49
C ALA A 66 2.87 23.61 2.02
N ALA A 67 2.89 24.72 1.27
CA ALA A 67 4.15 25.29 0.86
C ALA A 67 4.98 25.66 2.09
N GLY A 68 6.27 25.32 2.05
CA GLY A 68 7.17 25.69 3.11
C GLY A 68 7.19 24.75 4.29
N ALA A 69 6.36 23.72 4.29
CA ALA A 69 6.38 22.76 5.39
C ALA A 69 7.63 21.88 5.31
N PRO A 70 8.10 21.36 6.44
CA PRO A 70 9.11 20.31 6.40
C PRO A 70 8.51 19.09 5.71
N ARG A 71 9.29 18.51 4.78
CA ARG A 71 8.79 17.45 3.90
C ARG A 71 9.52 16.13 4.13
N LEU A 72 8.74 15.05 4.14
CA LEU A 72 9.31 13.71 4.08
C LEU A 72 9.96 13.46 2.72
N ASN A 73 9.28 13.85 1.66
CA ASN A 73 9.75 13.69 0.28
C ASN A 73 8.99 14.69 -0.57
N ALA A 74 9.38 14.78 -1.83
CA ALA A 74 8.73 15.70 -2.76
C ALA A 74 7.38 15.15 -3.20
N LEU A 75 6.43 16.06 -3.41
CA LEU A 75 5.13 15.65 -3.96
C LEU A 75 5.33 15.06 -5.35
N THR A 76 4.59 13.98 -5.65
CA THR A 76 4.48 13.46 -7.01
C THR A 76 3.08 13.62 -7.56
N VAL A 77 2.19 14.27 -6.82
CA VAL A 77 0.84 14.58 -7.27
C VAL A 77 0.59 16.05 -6.99
N PRO A 78 -0.44 16.64 -7.60
CA PRO A 78 -0.82 18.01 -7.24
C PRO A 78 -1.12 18.10 -5.75
N PRO A 79 -0.81 19.25 -5.13
CA PRO A 79 -1.01 19.34 -3.68
C PRO A 79 -2.42 19.03 -3.21
N GLU A 80 -3.45 19.38 -3.99
CA GLU A 80 -4.82 19.09 -3.56
C GLU A 80 -5.09 17.58 -3.48
N VAL A 81 -4.34 16.78 -4.24
CA VAL A 81 -4.55 15.34 -4.23
C VAL A 81 -4.03 14.69 -2.95
N VAL A 82 -3.18 15.39 -2.19
CA VAL A 82 -2.82 14.87 -0.88
C VAL A 82 -4.08 14.69 -0.02
N ASN A 83 -5.09 15.53 -0.25
CA ASN A 83 -6.37 15.45 0.43
C ASN A 83 -7.40 14.68 -0.40
N ASN A 84 -6.96 13.71 -1.20
CA ASN A 84 -7.83 13.05 -2.17
C ASN A 84 -9.12 12.53 -1.53
N MET A 85 -8.99 11.72 -0.47
CA MET A 85 -10.19 11.12 0.10
C MET A 85 -11.09 12.19 0.72
N GLY A 86 -10.50 13.21 1.32
CA GLY A 86 -11.29 14.34 1.80
C GLY A 86 -12.06 15.01 0.69
N ASN A 87 -11.42 15.19 -0.48
CA ASN A 87 -12.13 15.79 -1.61
C ASN A 87 -13.26 14.88 -2.09
N ILE A 88 -13.00 13.57 -2.13
CA ILE A 88 -14.03 12.62 -2.53
C ILE A 88 -15.22 12.70 -1.56
N ALA A 89 -14.92 12.70 -0.26
CA ALA A 89 -15.99 12.77 0.73
C ALA A 89 -16.76 14.09 0.61
N ASP A 90 -16.06 15.21 0.42
CA ASP A 90 -16.74 16.49 0.32
C ASP A 90 -17.64 16.57 -0.91
N ALA A 91 -17.34 15.80 -1.95
CA ALA A 91 -18.17 15.77 -3.16
C ALA A 91 -19.36 14.84 -3.02
N GLY A 92 -19.49 14.17 -1.87
CA GLY A 92 -20.57 13.22 -1.66
C GLY A 92 -20.36 11.88 -2.33
N LEU A 93 -19.11 11.53 -2.68
CA LEU A 93 -18.83 10.33 -3.45
C LEU A 93 -18.22 9.20 -2.64
N ARG A 94 -18.05 9.35 -1.32
CA ARG A 94 -17.37 8.33 -0.55
CA ARG A 94 -17.37 8.33 -0.55
C ARG A 94 -18.11 6.99 -0.60
N LYS A 95 -19.42 7.00 -0.38
CA LYS A 95 -20.17 5.74 -0.36
C LYS A 95 -20.10 5.03 -1.71
N ALA A 96 -20.22 5.78 -2.81
CA ALA A 96 -20.20 5.16 -4.12
C ALA A 96 -18.83 4.58 -4.45
N VAL A 97 -17.76 5.28 -4.07
CA VAL A 97 -16.42 4.75 -4.31
C VAL A 97 -16.21 3.47 -3.51
N MET A 98 -16.60 3.50 -2.23
CA MET A 98 -16.43 2.32 -1.37
C MET A 98 -17.20 1.12 -1.91
N LYS A 99 -18.42 1.34 -2.40
CA LYS A 99 -19.22 0.24 -2.92
C LYS A 99 -18.59 -0.35 -4.18
N ALA A 100 -17.94 0.48 -4.99
CA ALA A 100 -17.35 -0.02 -6.22
C ALA A 100 -16.11 -0.85 -5.97
N ILE A 101 -15.40 -0.63 -4.86
CA ILE A 101 -14.13 -1.30 -4.64
C ILE A 101 -14.24 -2.42 -3.61
N THR A 102 -15.46 -2.93 -3.36
CA THR A 102 -15.61 -4.04 -2.43
C THR A 102 -15.25 -5.36 -3.13
N PRO A 103 -14.60 -6.29 -2.43
CA PRO A 103 -14.26 -7.57 -3.06
C PRO A 103 -15.46 -8.47 -3.30
N LYS A 104 -16.62 -8.15 -2.71
CA LYS A 104 -17.81 -8.98 -2.77
C LYS A 104 -18.64 -8.77 -4.04
N ALA A 105 -18.25 -7.88 -4.93
CA ALA A 105 -18.98 -7.69 -6.17
C ALA A 105 -19.19 -9.03 -6.86
N PRO A 106 -20.34 -9.26 -7.51
CA PRO A 106 -20.58 -10.54 -8.17
C PRO A 106 -19.51 -10.86 -9.20
N GLY A 107 -18.99 -12.08 -9.12
CA GLY A 107 -18.01 -12.58 -10.08
C GLY A 107 -16.60 -12.07 -9.92
N LEU A 108 -16.37 -11.14 -8.99
CA LEU A 108 -15.05 -10.53 -8.84
C LEU A 108 -14.04 -11.53 -8.31
N GLU A 109 -14.37 -12.21 -7.22
CA GLU A 109 -13.45 -13.19 -6.64
C GLU A 109 -13.17 -14.31 -7.62
N GLN A 110 -14.18 -14.73 -8.39
CA GLN A 110 -13.95 -15.76 -9.39
C GLN A 110 -13.01 -15.25 -10.50
N PHE A 111 -13.18 -13.98 -10.89
CA PHE A 111 -12.27 -13.39 -11.87
C PHE A 111 -10.84 -13.40 -11.34
N LEU A 112 -10.65 -13.06 -10.06
CA LEU A 112 -9.30 -13.00 -9.54
CA LEU A 112 -9.30 -13.00 -9.50
C LEU A 112 -8.67 -14.39 -9.46
N ARG A 113 -9.43 -15.40 -9.02
CA ARG A 113 -8.90 -16.75 -9.00
C ARG A 113 -8.54 -17.23 -10.40
N ASP A 114 -9.45 -17.00 -11.37
CA ASP A 114 -9.16 -17.38 -12.75
C ASP A 114 -7.90 -16.68 -13.25
N THR A 115 -7.72 -15.41 -12.89
CA THR A 115 -6.54 -14.68 -13.35
C THR A 115 -5.29 -15.21 -12.67
N ALA A 116 -5.33 -15.43 -11.36
CA ALA A 116 -4.19 -16.01 -10.66
C ALA A 116 -3.81 -17.37 -11.24
N ASN A 117 -4.81 -18.24 -11.42
CA ASN A 117 -4.53 -19.58 -11.94
C ASN A 117 -3.95 -19.54 -13.34
N SER A 118 -4.44 -18.64 -14.18
CA SER A 118 -3.90 -18.50 -15.53
C SER A 118 -2.44 -18.01 -15.48
N LEU A 119 -2.18 -16.97 -14.67
CA LEU A 119 -0.80 -16.49 -14.53
C LEU A 119 0.14 -17.62 -14.09
N LEU A 120 -0.28 -18.39 -13.09
CA LEU A 120 0.54 -19.50 -12.60
C LEU A 120 0.72 -20.59 -13.65
N ASP A 121 -0.35 -20.93 -14.38
CA ASP A 121 -0.22 -21.94 -15.43
C ASP A 121 0.81 -21.53 -16.47
N ASN A 122 0.84 -20.24 -16.82
CA ASN A 122 1.80 -19.77 -17.81
C ASN A 122 3.23 -19.91 -17.29
N LEU A 123 3.44 -19.63 -16.00
CA LEU A 123 4.77 -19.78 -15.42
C LEU A 123 5.19 -21.24 -15.41
N ILE A 124 4.26 -22.14 -15.04
CA ILE A 124 4.57 -23.56 -15.02
C ILE A 124 4.92 -24.05 -16.41
N THR A 125 4.18 -23.60 -17.43
CA THR A 125 4.48 -23.99 -18.81
C THR A 125 5.86 -23.50 -19.24
N GLU A 126 6.23 -22.28 -18.86
CA GLU A 126 7.54 -21.77 -19.28
C GLU A 126 8.68 -22.43 -18.50
N GLY A 127 8.45 -22.85 -17.27
CA GLY A 127 9.47 -23.56 -16.54
C GLY A 127 10.26 -22.66 -15.60
N ALA A 128 10.70 -23.22 -14.48
CA ALA A 128 11.46 -22.46 -13.51
C ALA A 128 12.80 -22.03 -14.09
N PRO A 129 13.35 -20.90 -13.64
CA PRO A 129 12.81 -20.01 -12.60
C PRO A 129 11.74 -19.08 -13.13
N ALA A 130 10.87 -18.66 -12.23
CA ALA A 130 9.83 -17.68 -12.51
C ALA A 130 10.01 -16.47 -11.60
N ASP A 131 9.56 -15.31 -12.07
CA ASP A 131 9.63 -14.06 -11.30
C ASP A 131 8.23 -13.78 -10.77
N LEU A 132 8.03 -14.03 -9.46
CA LEU A 132 6.70 -13.90 -8.88
C LEU A 132 6.25 -12.45 -8.69
N ARG A 133 7.16 -11.47 -8.80
CA ARG A 133 6.66 -10.10 -8.78
C ARG A 133 6.20 -9.66 -10.15
N ASN A 134 7.10 -9.66 -11.13
CA ASN A 134 6.76 -9.09 -12.43
C ASN A 134 5.81 -9.96 -13.22
N ASP A 135 5.79 -11.26 -12.95
CA ASP A 135 4.97 -12.18 -13.74
C ASP A 135 3.86 -12.83 -12.94
N PHE A 136 3.62 -12.40 -11.70
CA PHE A 136 2.49 -12.88 -10.92
C PHE A 136 1.83 -11.78 -10.10
N ALA A 137 2.50 -11.30 -9.04
CA ALA A 137 1.84 -10.42 -8.08
C ALA A 137 1.41 -9.11 -8.72
N ASP A 138 2.30 -8.46 -9.47
CA ASP A 138 1.93 -7.18 -10.07
C ASP A 138 0.88 -7.34 -11.17
N PRO A 139 1.02 -8.30 -12.09
CA PRO A 139 -0.07 -8.50 -13.08
C PRO A 139 -1.40 -8.82 -12.42
N LEU A 140 -1.40 -9.59 -11.34
CA LEU A 140 -2.64 -9.90 -10.65
C LEU A 140 -3.26 -8.63 -10.07
N ALA A 141 -2.43 -7.79 -9.45
CA ALA A 141 -2.92 -6.51 -8.96
C ALA A 141 -3.44 -5.62 -10.10
N THR A 142 -2.70 -5.56 -11.20
CA THR A 142 -3.11 -4.73 -12.33
C THR A 142 -4.44 -5.21 -12.91
N ALA A 143 -4.57 -6.53 -13.12
CA ALA A 143 -5.82 -7.09 -13.64
C ALA A 143 -6.98 -6.81 -12.70
N LEU A 144 -6.76 -6.98 -11.40
CA LEU A 144 -7.82 -6.74 -10.42
C LEU A 144 -8.33 -5.31 -10.51
N HIS A 145 -7.40 -4.35 -10.60
CA HIS A 145 -7.83 -2.96 -10.60
C HIS A 145 -8.45 -2.52 -11.92
N CYS A 146 -8.03 -3.09 -13.05
CA CYS A 146 -8.75 -2.82 -14.28
C CYS A 146 -10.18 -3.31 -14.19
N LYS A 147 -10.38 -4.50 -13.62
CA LYS A 147 -11.73 -5.04 -13.45
C LYS A 147 -12.56 -4.17 -12.50
N VAL A 148 -11.98 -3.80 -11.35
CA VAL A 148 -12.70 -2.99 -10.38
C VAL A 148 -13.06 -1.63 -10.97
N LEU A 149 -12.16 -1.06 -11.78
CA LEU A 149 -12.43 0.25 -12.37
C LEU A 149 -13.37 0.18 -13.55
N GLY A 150 -13.51 -1.00 -14.19
CA GLY A 150 -14.32 -1.10 -15.38
C GLY A 150 -13.60 -0.73 -16.66
N ILE A 151 -12.27 -0.73 -16.65
CA ILE A 151 -11.50 -0.31 -17.81
C ILE A 151 -10.91 -1.53 -18.52
N PRO A 152 -10.53 -1.42 -19.80
CA PRO A 152 -10.01 -2.58 -20.53
C PRO A 152 -8.75 -3.16 -19.89
N GLN A 153 -8.69 -4.49 -19.83
CA GLN A 153 -7.50 -5.15 -19.29
C GLN A 153 -6.24 -4.74 -20.04
N GLU A 154 -6.34 -4.52 -21.35
CA GLU A 154 -5.16 -4.20 -22.14
C GLU A 154 -4.59 -2.82 -21.86
N ASP A 155 -5.35 -1.95 -21.17
CA ASP A 155 -4.84 -0.65 -20.77
C ASP A 155 -4.06 -0.70 -19.47
N GLY A 156 -4.14 -1.81 -18.73
CA GLY A 156 -3.49 -1.94 -17.44
C GLY A 156 -1.98 -1.77 -17.47
N PRO A 157 -1.29 -2.46 -18.38
CA PRO A 157 0.19 -2.43 -18.32
C PRO A 157 0.78 -1.04 -18.43
N LYS A 158 0.29 -0.21 -19.36
CA LYS A 158 0.82 1.14 -19.49
C LYS A 158 0.56 1.98 -18.24
N LEU A 159 -0.65 1.86 -17.68
CA LEU A 159 -0.94 2.57 -16.43
C LEU A 159 -0.03 2.09 -15.32
N PHE A 160 0.19 0.78 -15.24
CA PHE A 160 1.07 0.22 -14.21
C PHE A 160 2.47 0.79 -14.33
N ARG A 161 2.96 0.99 -15.57
CA ARG A 161 4.33 1.43 -15.74
C ARG A 161 4.57 2.86 -15.26
N SER A 162 3.52 3.63 -14.96
CA SER A 162 3.72 4.91 -14.30
C SER A 162 4.18 4.76 -12.86
N LEU A 163 3.93 3.59 -12.25
CA LEU A 163 3.99 3.50 -10.79
C LEU A 163 5.42 3.48 -10.25
N SER A 164 6.40 2.99 -11.02
CA SER A 164 7.77 2.97 -10.53
C SER A 164 8.33 4.37 -10.33
N ILE A 165 7.66 5.38 -10.90
CA ILE A 165 8.01 6.77 -10.71
C ILE A 165 7.02 7.49 -9.80
N ALA A 166 5.72 7.19 -9.97
CA ALA A 166 4.70 7.88 -9.20
C ALA A 166 4.86 7.68 -7.71
N PHE A 167 5.34 6.50 -7.30
CA PHE A 167 5.51 6.19 -5.89
C PHE A 167 6.97 6.31 -5.44
N MET A 168 7.78 7.03 -6.18
CA MET A 168 9.11 7.36 -5.68
C MET A 168 9.03 8.20 -4.40
N SER A 169 10.04 8.02 -3.56
CA SER A 169 10.22 8.81 -2.34
C SER A 169 11.50 9.59 -2.58
N SER A 170 11.35 10.79 -3.15
CA SER A 170 12.46 11.56 -3.72
C SER A 170 12.67 12.84 -2.92
N ALA A 171 13.92 13.29 -2.85
CA ALA A 171 14.17 14.58 -2.23
C ALA A 171 13.66 15.75 -3.06
N ASP A 172 13.50 15.57 -4.36
CA ASP A 172 13.21 16.65 -5.28
C ASP A 172 12.06 16.28 -6.21
N PRO A 173 11.36 17.26 -6.75
CA PRO A 173 10.29 16.98 -7.72
C PRO A 173 10.81 16.13 -8.87
N ILE A 174 9.91 15.34 -9.46
CA ILE A 174 10.26 14.35 -10.47
C ILE A 174 9.57 14.72 -11.77
N PRO A 175 10.30 15.20 -12.78
CA PRO A 175 9.65 15.59 -14.05
C PRO A 175 8.82 14.49 -14.69
N ALA A 176 9.30 13.25 -14.70
CA ALA A 176 8.52 12.15 -15.27
C ALA A 176 7.20 11.95 -14.54
N ALA A 177 7.14 12.23 -13.23
CA ALA A 177 5.88 12.03 -12.52
C ALA A 177 4.78 12.92 -13.08
N LYS A 178 5.11 14.16 -13.42
CA LYS A 178 4.10 15.06 -13.99
C LYS A 178 3.72 14.63 -15.41
N ILE A 179 4.69 14.18 -16.21
CA ILE A 179 4.35 13.70 -17.55
C ILE A 179 3.35 12.55 -17.45
N ASN A 180 3.66 11.55 -16.62
CA ASN A 180 2.77 10.40 -16.51
C ASN A 180 1.44 10.78 -15.88
N TRP A 181 1.46 11.65 -14.86
CA TRP A 181 0.22 12.06 -14.22
C TRP A 181 -0.73 12.73 -15.21
N ASP A 182 -0.21 13.70 -15.96
CA ASP A 182 -1.06 14.41 -16.91
C ASP A 182 -1.62 13.45 -17.97
N ARG A 183 -0.79 12.50 -18.42
CA ARG A 183 -1.25 11.56 -19.43
CA ARG A 183 -1.25 11.56 -19.43
C ARG A 183 -2.29 10.60 -18.85
N ASP A 184 -2.08 10.14 -17.62
CA ASP A 184 -3.02 9.20 -17.01
C ASP A 184 -4.34 9.88 -16.70
N ILE A 185 -4.30 11.15 -16.27
CA ILE A 185 -5.53 11.92 -16.08
C ILE A 185 -6.27 12.05 -17.40
N GLU A 186 -5.55 12.35 -18.48
CA GLU A 186 -6.20 12.46 -19.78
C GLU A 186 -6.86 11.14 -20.17
N TYR A 187 -6.21 10.02 -19.87
CA TYR A 187 -6.79 8.72 -20.15
C TYR A 187 -8.09 8.53 -19.38
N MET A 188 -8.08 8.81 -18.08
CA MET A 188 -9.29 8.63 -17.28
C MET A 188 -10.40 9.58 -17.71
N ALA A 189 -10.04 10.79 -18.13
CA ALA A 189 -11.07 11.71 -18.64
C ALA A 189 -11.71 11.14 -19.90
N GLY A 190 -10.92 10.52 -20.76
CA GLY A 190 -11.50 9.86 -21.93
C GLY A 190 -12.39 8.69 -21.56
N ILE A 191 -11.99 7.91 -20.55
CA ILE A 191 -12.83 6.82 -20.06
C ILE A 191 -14.21 7.33 -19.66
N LEU A 192 -14.26 8.49 -18.98
CA LEU A 192 -15.53 9.02 -18.53
C LEU A 192 -16.44 9.39 -19.69
N GLU A 193 -15.87 9.72 -20.84
CA GLU A 193 -16.62 10.06 -22.04
C GLU A 193 -16.88 8.86 -22.93
N ASN A 194 -16.38 7.69 -22.56
CA ASN A 194 -16.43 6.50 -23.42
C ASN A 194 -17.72 5.76 -23.14
N PRO A 195 -18.65 5.65 -24.11
CA PRO A 195 -19.93 4.98 -23.85
C PRO A 195 -19.78 3.50 -23.57
N ASN A 196 -18.64 2.89 -23.89
CA ASN A 196 -18.44 1.48 -23.59
C ASN A 196 -18.20 1.24 -22.11
N ILE A 197 -17.87 2.27 -21.33
CA ILE A 197 -17.45 2.09 -19.95
C ILE A 197 -18.67 2.30 -19.07
N THR A 198 -19.35 1.20 -18.73
CA THR A 198 -20.59 1.25 -17.96
C THR A 198 -20.52 0.45 -16.67
N THR A 199 -19.41 -0.24 -16.39
CA THR A 199 -19.29 -1.07 -15.20
C THR A 199 -18.16 -0.56 -14.33
N GLY A 200 -18.08 -1.11 -13.11
CA GLY A 200 -16.98 -0.78 -12.23
C GLY A 200 -17.04 0.65 -11.70
N LEU A 201 -15.94 1.04 -11.07
CA LEU A 201 -15.86 2.38 -10.48
C LEU A 201 -16.00 3.46 -11.55
N MET A 202 -15.31 3.31 -12.69
CA MET A 202 -15.40 4.37 -13.68
C MET A 202 -16.76 4.40 -14.35
N GLY A 203 -17.41 3.24 -14.52
CA GLY A 203 -18.78 3.24 -15.01
C GLY A 203 -19.72 3.99 -14.08
N GLU A 204 -19.55 3.80 -12.77
CA GLU A 204 -20.41 4.50 -11.82
C GLU A 204 -20.10 5.99 -11.79
N LEU A 205 -18.82 6.37 -11.78
CA LEU A 205 -18.50 7.79 -11.82
C LEU A 205 -19.01 8.44 -13.09
N SER A 206 -18.99 7.71 -14.21
CA SER A 206 -19.47 8.26 -15.46
C SER A 206 -20.96 8.58 -15.38
N ARG A 207 -21.71 7.73 -14.70
CA ARG A 207 -23.14 8.00 -14.54
C ARG A 207 -23.37 9.13 -13.55
N LEU A 208 -22.67 9.10 -12.41
CA LEU A 208 -22.85 10.18 -11.44
C LEU A 208 -22.50 11.53 -12.03
N ARG A 209 -21.50 11.57 -12.92
CA ARG A 209 -21.07 12.82 -13.54
C ARG A 209 -22.20 13.49 -14.31
N LYS A 210 -23.14 12.72 -14.86
CA LYS A 210 -24.25 13.25 -15.64
C LYS A 210 -25.54 13.35 -14.84
N ASP A 211 -25.50 13.02 -13.55
CA ASP A 211 -26.61 13.08 -12.61
C ASP A 211 -26.69 14.48 -12.03
N PRO A 212 -27.85 15.14 -12.10
CA PRO A 212 -27.93 16.54 -11.61
C PRO A 212 -27.53 16.70 -10.16
N ALA A 213 -27.67 15.65 -9.35
CA ALA A 213 -27.29 15.74 -7.94
C ALA A 213 -25.78 15.86 -7.77
N TYR A 214 -25.00 15.67 -8.83
CA TYR A 214 -23.54 15.74 -8.77
C TYR A 214 -22.99 16.74 -9.79
N SER A 215 -23.84 17.66 -10.27
CA SER A 215 -23.40 18.62 -11.28
C SER A 215 -22.29 19.51 -10.77
N HIS A 216 -22.21 19.71 -9.46
CA HIS A 216 -21.17 20.58 -8.91
C HIS A 216 -19.78 19.99 -9.08
N VAL A 217 -19.65 18.66 -9.04
CA VAL A 217 -18.35 18.01 -9.01
C VAL A 217 -17.62 18.21 -10.34
N SER A 218 -16.32 18.49 -10.27
CA SER A 218 -15.52 18.78 -11.46
C SER A 218 -15.09 17.50 -12.16
N ASP A 219 -14.94 17.60 -13.49
CA ASP A 219 -14.37 16.48 -14.24
C ASP A 219 -12.97 16.15 -13.76
N GLU A 220 -12.27 17.17 -13.25
CA GLU A 220 -10.95 16.97 -12.67
C GLU A 220 -11.00 15.93 -11.56
N LEU A 221 -11.96 16.07 -10.64
CA LEU A 221 -12.04 15.11 -9.54
C LEU A 221 -12.39 13.72 -10.03
N PHE A 222 -13.33 13.61 -10.98
CA PHE A 222 -13.73 12.29 -11.45
C PHE A 222 -12.53 11.56 -12.05
N ALA A 223 -11.75 12.23 -12.89
CA ALA A 223 -10.59 11.57 -13.49
C ALA A 223 -9.54 11.25 -12.44
N THR A 224 -9.39 12.15 -11.47
CA THR A 224 -8.40 11.94 -10.41
C THR A 224 -8.73 10.70 -9.59
N ILE A 225 -10.02 10.45 -9.34
CA ILE A 225 -10.37 9.25 -8.61
C ILE A 225 -9.89 8.00 -9.34
N GLY A 226 -10.06 7.96 -10.66
CA GLY A 226 -9.58 6.82 -11.41
C GLY A 226 -8.07 6.64 -11.33
N VAL A 227 -7.31 7.72 -11.53
CA VAL A 227 -5.85 7.59 -11.50
C VAL A 227 -5.38 7.17 -10.12
N THR A 228 -5.92 7.80 -9.08
CA THR A 228 -5.41 7.57 -7.74
C THR A 228 -5.81 6.19 -7.21
N PHE A 229 -7.03 5.74 -7.46
CA PHE A 229 -7.41 4.43 -6.95
C PHE A 229 -6.71 3.32 -7.71
N PHE A 230 -6.50 3.49 -9.02
CA PHE A 230 -5.62 2.56 -9.74
C PHE A 230 -4.23 2.54 -9.11
N GLY A 231 -3.63 3.71 -8.92
CA GLY A 231 -2.23 3.74 -8.52
C GLY A 231 -2.01 3.22 -7.11
N ALA A 232 -2.74 3.76 -6.13
CA ALA A 232 -2.58 3.33 -4.75
C ALA A 232 -2.95 1.85 -4.60
N GLY A 233 -4.05 1.44 -5.23
CA GLY A 233 -4.48 0.05 -5.10
C GLY A 233 -3.48 -0.92 -5.72
N VAL A 234 -3.02 -0.61 -6.93
CA VAL A 234 -2.08 -1.51 -7.61
C VAL A 234 -0.74 -1.55 -6.89
N ILE A 235 -0.20 -0.39 -6.51
CA ILE A 235 1.11 -0.42 -5.85
C ILE A 235 1.02 -1.13 -4.52
N SER A 236 -0.07 -0.93 -3.78
CA SER A 236 -0.12 -1.50 -2.44
C SER A 236 -0.44 -2.99 -2.45
N THR A 237 -1.42 -3.40 -3.27
CA THR A 237 -1.71 -4.83 -3.34
C THR A 237 -0.55 -5.61 -3.97
N GLY A 238 0.02 -5.10 -5.06
CA GLY A 238 1.13 -5.82 -5.67
C GLY A 238 2.32 -5.92 -4.76
N SER A 239 2.66 -4.81 -4.09
CA SER A 239 3.82 -4.80 -3.21
C SER A 239 3.58 -5.63 -1.96
N PHE A 240 2.37 -5.57 -1.38
CA PHE A 240 2.10 -6.40 -0.21
C PHE A 240 2.14 -7.89 -0.57
N LEU A 241 1.45 -8.28 -1.65
CA LEU A 241 1.48 -9.70 -2.01
C LEU A 241 2.91 -10.17 -2.27
N THR A 242 3.70 -9.35 -2.97
CA THR A 242 5.07 -9.78 -3.27
C THR A 242 5.85 -10.07 -2.00
N THR A 243 5.84 -9.14 -1.04
CA THR A 243 6.62 -9.33 0.16
C THR A 243 5.99 -10.38 1.08
N ALA A 244 4.66 -10.52 1.05
CA ALA A 244 4.01 -11.60 1.80
C ALA A 244 4.44 -12.96 1.26
N LEU A 245 4.59 -13.09 -0.06
CA LEU A 245 5.07 -14.33 -0.64
C LEU A 245 6.47 -14.67 -0.15
N ILE A 246 7.35 -13.67 -0.01
CA ILE A 246 8.67 -13.93 0.54
C ILE A 246 8.54 -14.45 1.96
N SER A 247 7.73 -13.77 2.79
CA SER A 247 7.53 -14.19 4.17
C SER A 247 7.02 -15.63 4.24
N LEU A 248 6.15 -16.00 3.30
CA LEU A 248 5.58 -17.35 3.29
C LEU A 248 6.61 -18.37 2.81
N ILE A 249 7.33 -18.04 1.72
CA ILE A 249 8.34 -18.96 1.20
C ILE A 249 9.39 -19.26 2.25
N GLN A 250 9.73 -18.27 3.08
CA GLN A 250 10.75 -18.50 4.09
CA GLN A 250 10.71 -18.40 4.14
C GLN A 250 10.20 -19.22 5.33
N ARG A 251 8.93 -19.61 5.32
CA ARG A 251 8.31 -20.35 6.43
C ARG A 251 7.66 -21.60 5.87
N PRO A 252 8.45 -22.62 5.53
CA PRO A 252 7.87 -23.80 4.84
C PRO A 252 6.78 -24.48 5.65
N GLN A 253 6.88 -24.46 6.98
CA GLN A 253 5.86 -25.10 7.79
C GLN A 253 4.54 -24.35 7.74
N LEU A 254 4.59 -23.02 7.75
CA LEU A 254 3.38 -22.23 7.53
C LEU A 254 2.87 -22.43 6.11
N ARG A 255 3.76 -22.41 5.13
CA ARG A 255 3.39 -22.71 3.75
C ARG A 255 2.66 -24.05 3.67
N ASN A 256 3.18 -25.06 4.38
CA ASN A 256 2.54 -26.38 4.35
C ASN A 256 1.22 -26.36 5.11
N LEU A 257 1.21 -25.75 6.30
CA LEU A 257 -0.03 -25.64 7.08
C LEU A 257 -1.14 -25.01 6.25
N LEU A 258 -0.86 -23.87 5.61
CA LEU A 258 -1.87 -23.20 4.80
C LEU A 258 -2.25 -24.06 3.59
N HIS A 259 -1.27 -24.75 3.01
CA HIS A 259 -1.58 -25.63 1.88
C HIS A 259 -2.52 -26.74 2.30
N GLU A 260 -2.31 -27.31 3.49
CA GLU A 260 -3.12 -28.41 3.99
C GLU A 260 -4.46 -27.96 4.54
N LYS A 261 -4.52 -26.77 5.13
CA LYS A 261 -5.74 -26.23 5.72
C LYS A 261 -5.99 -24.83 5.19
N PRO A 262 -6.37 -24.72 3.92
CA PRO A 262 -6.58 -23.38 3.33
C PRO A 262 -7.60 -22.52 4.06
N GLU A 263 -8.43 -23.09 4.93
CA GLU A 263 -9.37 -22.27 5.69
CA GLU A 263 -9.35 -22.29 5.70
C GLU A 263 -8.64 -21.31 6.62
N LEU A 264 -7.37 -21.56 6.93
CA LEU A 264 -6.59 -20.67 7.78
C LEU A 264 -5.90 -19.55 6.99
N ILE A 265 -6.09 -19.52 5.67
CA ILE A 265 -5.43 -18.48 4.87
C ILE A 265 -5.81 -17.07 5.32
N PRO A 266 -7.08 -16.75 5.58
CA PRO A 266 -7.38 -15.39 6.06
C PRO A 266 -6.64 -15.03 7.33
N ALA A 267 -6.56 -15.95 8.31
CA ALA A 267 -5.82 -15.64 9.52
C ALA A 267 -4.33 -15.51 9.21
N GLY A 268 -3.84 -16.32 8.27
CA GLY A 268 -2.44 -16.19 7.87
C GLY A 268 -2.17 -14.86 7.19
N VAL A 269 -3.03 -14.47 6.25
CA VAL A 269 -2.88 -13.17 5.58
C VAL A 269 -2.94 -12.03 6.59
N GLU A 270 -3.80 -12.14 7.61
CA GLU A 270 -3.84 -11.09 8.61
C GLU A 270 -2.51 -10.95 9.35
N GLU A 271 -1.86 -12.08 9.66
CA GLU A 271 -0.55 -12.00 10.28
C GLU A 271 0.50 -11.50 9.30
N LEU A 272 0.41 -11.92 8.04
CA LEU A 272 1.34 -11.40 7.04
C LEU A 272 1.19 -9.89 6.87
N LEU A 273 -0.05 -9.39 6.94
CA LEU A 273 -0.27 -7.95 6.97
C LEU A 273 0.40 -7.31 8.18
N ARG A 274 0.21 -7.91 9.37
CA ARG A 274 0.78 -7.33 10.58
C ARG A 274 2.30 -7.20 10.48
N ILE A 275 2.98 -8.23 9.96
CA ILE A 275 4.44 -8.21 9.92
C ILE A 275 4.98 -7.56 8.65
N ASN A 276 4.12 -7.02 7.80
CA ASN A 276 4.57 -6.59 6.49
C ASN A 276 5.40 -5.31 6.56
N LEU A 277 6.47 -5.29 5.77
CA LEU A 277 7.38 -4.15 5.70
C LEU A 277 7.23 -3.38 4.40
N SER A 278 6.09 -3.49 3.75
CA SER A 278 5.94 -2.90 2.41
C SER A 278 5.96 -1.38 2.41
N PHE A 279 5.49 -0.72 3.47
CA PHE A 279 5.58 0.75 3.52
C PHE A 279 6.99 1.17 3.92
N ALA A 280 7.65 1.89 3.02
CA ALA A 280 9.06 2.19 3.20
C ALA A 280 9.32 3.38 4.11
N ASP A 281 8.34 4.25 4.32
CA ASP A 281 8.46 5.44 5.12
C ASP A 281 7.33 5.46 6.14
N GLY A 282 7.54 6.16 7.24
CA GLY A 282 6.44 6.44 8.15
C GLY A 282 5.34 7.22 7.43
N LEU A 283 4.09 7.06 7.93
CA LEU A 283 3.00 7.85 7.39
C LEU A 283 3.15 9.30 7.86
N PRO A 284 3.16 10.27 6.97
CA PRO A 284 3.40 11.67 7.37
C PRO A 284 2.15 12.41 7.81
N ARG A 285 2.33 13.27 8.81
CA ARG A 285 1.30 14.17 9.30
C ARG A 285 1.98 15.47 9.73
N LEU A 286 1.28 16.60 9.55
CA LEU A 286 1.79 17.88 10.00
C LEU A 286 0.98 18.36 11.19
N ALA A 287 1.64 18.71 12.28
CA ALA A 287 0.94 19.20 13.45
C ALA A 287 0.28 20.55 13.15
N THR A 288 -1.00 20.69 13.51
CA THR A 288 -1.69 21.96 13.38
C THR A 288 -1.90 22.67 14.71
N ALA A 289 -1.33 22.14 15.78
CA ALA A 289 -1.38 22.72 17.11
C ALA A 289 -0.18 22.14 17.85
N ASP A 290 0.09 22.69 19.04
CA ASP A 290 1.11 22.10 19.92
C ASP A 290 0.47 20.94 20.66
N ILE A 291 1.06 19.74 20.54
CA ILE A 291 0.42 18.52 21.02
C ILE A 291 1.47 17.65 21.70
N GLN A 292 1.20 17.24 22.93
CA GLN A 292 2.10 16.37 23.66
C GLN A 292 1.97 14.94 23.15
N VAL A 293 3.09 14.35 22.76
CA VAL A 293 3.16 12.96 22.32
C VAL A 293 4.29 12.30 23.12
N GLY A 294 3.92 11.43 24.05
CA GLY A 294 4.93 10.89 24.96
C GLY A 294 5.67 12.02 25.63
N ASP A 295 7.01 11.94 25.64
CA ASP A 295 7.85 12.94 26.28
C ASP A 295 8.08 14.19 25.44
N VAL A 296 7.47 14.31 24.26
CA VAL A 296 7.75 15.40 23.34
C VAL A 296 6.51 16.26 23.16
N LEU A 297 6.67 17.57 23.31
CA LEU A 297 5.64 18.52 22.89
C LEU A 297 5.91 18.83 21.43
N VAL A 298 5.15 18.20 20.54
CA VAL A 298 5.26 18.50 19.13
C VAL A 298 4.69 19.89 18.88
N ARG A 299 5.38 20.68 18.08
CA ARG A 299 5.00 22.06 17.87
C ARG A 299 4.24 22.21 16.56
N LYS A 300 3.31 23.16 16.53
CA LYS A 300 2.58 23.46 15.32
C LYS A 300 3.55 23.65 14.16
N GLY A 301 3.25 23.03 13.03
CA GLY A 301 4.07 23.14 11.85
C GLY A 301 5.12 22.06 11.70
N GLU A 302 5.31 21.19 12.69
CA GLU A 302 6.30 20.13 12.60
C GLU A 302 5.75 18.88 11.95
N LEU A 303 6.65 18.11 11.34
CA LEU A 303 6.31 16.89 10.63
C LEU A 303 6.46 15.71 11.58
N VAL A 304 5.47 14.82 11.56
CA VAL A 304 5.48 13.61 12.36
C VAL A 304 5.37 12.44 11.41
N LEU A 305 6.14 11.37 11.69
CA LEU A 305 6.19 10.17 10.85
C LEU A 305 5.78 8.97 11.69
N VAL A 306 4.71 8.30 11.29
CA VAL A 306 4.14 7.18 12.03
C VAL A 306 4.70 5.89 11.44
N LEU A 307 5.61 5.25 12.17
CA LEU A 307 6.33 4.08 11.65
C LEU A 307 5.47 2.84 11.87
N LEU A 308 4.86 2.34 10.79
CA LEU A 308 3.88 1.26 10.92
C LEU A 308 4.51 0.01 11.53
N GLU A 309 5.74 -0.35 11.13
CA GLU A 309 6.37 -1.52 11.74
C GLU A 309 6.78 -1.28 13.18
N GLY A 310 6.95 -0.01 13.58
CA GLY A 310 7.11 0.27 14.99
C GLY A 310 5.91 -0.20 15.78
N ALA A 311 4.71 0.20 15.36
CA ALA A 311 3.51 -0.25 16.04
C ALA A 311 3.32 -1.76 15.90
N ASN A 312 3.50 -2.30 14.69
CA ASN A 312 3.08 -3.68 14.42
C ASN A 312 4.01 -4.72 15.01
N PHE A 313 5.24 -4.33 15.36
CA PHE A 313 6.19 -5.23 16.01
C PHE A 313 6.36 -4.88 17.49
N ASP A 314 5.46 -4.08 18.04
CA ASP A 314 5.56 -3.64 19.43
C ASP A 314 5.20 -4.80 20.36
N PRO A 315 6.13 -5.30 21.19
CA PRO A 315 5.82 -6.49 22.00
C PRO A 315 4.79 -6.23 23.09
N GLU A 316 4.57 -4.96 23.47
CA GLU A 316 3.55 -4.67 24.47
C GLU A 316 2.14 -4.80 23.92
N HIS A 317 1.99 -4.80 22.59
CA HIS A 317 0.71 -5.03 21.97
C HIS A 317 0.60 -6.38 21.28
N PHE A 318 1.70 -6.88 20.72
CA PHE A 318 1.72 -8.16 20.00
C PHE A 318 2.84 -9.00 20.60
N PRO A 319 2.57 -9.74 21.68
CA PRO A 319 3.63 -10.56 22.28
C PRO A 319 4.27 -11.49 21.27
N ASN A 320 5.59 -11.65 21.39
CA ASN A 320 6.40 -12.37 20.43
C ASN A 320 6.16 -11.80 19.02
N PRO A 321 6.46 -10.51 18.82
CA PRO A 321 5.96 -9.81 17.62
C PRO A 321 6.49 -10.36 16.32
N GLY A 322 7.68 -10.95 16.32
CA GLY A 322 8.23 -11.48 15.09
C GLY A 322 7.65 -12.80 14.63
N SER A 323 6.80 -13.43 15.44
CA SER A 323 6.26 -14.75 15.15
C SER A 323 4.86 -14.64 14.54
N ILE A 324 4.61 -15.45 13.51
CA ILE A 324 3.27 -15.53 12.92
C ILE A 324 2.46 -16.49 13.78
N GLU A 325 1.56 -15.95 14.59
CA GLU A 325 0.67 -16.73 15.45
C GLU A 325 -0.75 -16.53 14.94
N LEU A 326 -1.39 -17.62 14.53
CA LEU A 326 -2.70 -17.56 13.89
C LEU A 326 -3.85 -17.46 14.89
N ASP A 327 -3.59 -17.41 16.18
CA ASP A 327 -4.64 -17.38 17.19
C ASP A 327 -4.46 -16.22 18.15
N ARG A 328 -4.04 -15.06 17.63
CA ARG A 328 -3.88 -13.91 18.49
C ARG A 328 -5.24 -13.38 18.93
N PRO A 329 -5.32 -12.84 20.14
CA PRO A 329 -6.59 -12.24 20.60
C PRO A 329 -6.95 -10.94 19.89
N ASN A 330 -6.00 -10.26 19.26
CA ASN A 330 -6.20 -8.92 18.70
C ASN A 330 -5.71 -8.87 17.26
N PRO A 331 -6.21 -9.76 16.40
CA PRO A 331 -5.52 -10.04 15.12
C PRO A 331 -5.63 -8.96 14.06
N THR A 332 -6.73 -8.21 13.99
CA THR A 332 -6.85 -7.13 13.01
C THR A 332 -6.47 -5.78 13.59
N SER A 333 -5.99 -5.73 14.83
CA SER A 333 -5.66 -4.49 15.51
C SER A 333 -4.32 -3.91 15.08
N HIS A 334 -3.65 -4.51 14.09
CA HIS A 334 -2.44 -3.95 13.53
C HIS A 334 -2.77 -2.69 12.73
N LEU A 335 -1.71 -1.96 12.35
CA LEU A 335 -1.84 -0.69 11.62
C LEU A 335 -1.47 -0.81 10.13
N ALA A 336 -1.51 -2.01 9.56
CA ALA A 336 -1.12 -2.17 8.15
C ALA A 336 -1.97 -1.34 7.21
N PHE A 337 -3.23 -1.07 7.56
CA PHE A 337 -4.12 -0.23 6.77
C PHE A 337 -4.31 1.15 7.39
N GLY A 338 -3.47 1.53 8.34
CA GLY A 338 -3.63 2.80 9.02
C GLY A 338 -4.67 2.70 10.12
N ARG A 339 -5.15 3.88 10.52
CA ARG A 339 -6.09 3.98 11.62
C ARG A 339 -6.66 5.39 11.63
N GLY A 340 -7.94 5.51 11.98
CA GLY A 340 -8.57 6.81 12.11
C GLY A 340 -9.14 7.37 10.82
N GLN A 341 -9.05 8.71 10.68
CA GLN A 341 -9.68 9.39 9.56
C GLN A 341 -9.27 8.80 8.22
N HIS A 342 -8.01 8.38 8.08
CA HIS A 342 -7.47 7.98 6.78
C HIS A 342 -7.32 6.48 6.62
N PHE A 343 -8.02 5.69 7.45
CA PHE A 343 -7.98 4.24 7.31
C PHE A 343 -8.26 3.82 5.87
N CYS A 344 -7.47 2.89 5.36
CA CYS A 344 -7.47 2.51 3.96
C CYS A 344 -8.88 2.12 3.50
N PRO A 345 -9.42 2.76 2.47
CA PRO A 345 -10.73 2.35 1.94
C PRO A 345 -10.65 1.06 1.13
N GLY A 346 -9.46 0.64 0.74
CA GLY A 346 -9.29 -0.59 0.00
C GLY A 346 -8.97 -1.81 0.84
N SER A 347 -9.07 -1.71 2.17
CA SER A 347 -8.56 -2.78 3.03
C SER A 347 -9.19 -4.13 2.69
N ALA A 348 -10.49 -4.16 2.40
CA ALA A 348 -11.14 -5.44 2.13
C ALA A 348 -10.67 -6.02 0.81
N LEU A 349 -10.52 -5.17 -0.21
CA LEU A 349 -10.02 -5.61 -1.49
C LEU A 349 -8.58 -6.09 -1.39
N GLY A 350 -7.76 -5.40 -0.59
CA GLY A 350 -6.38 -5.82 -0.44
C GLY A 350 -6.24 -7.14 0.26
N ARG A 351 -7.03 -7.36 1.32
CA ARG A 351 -7.05 -8.67 1.97
C ARG A 351 -7.41 -9.76 0.98
N ARG A 352 -8.47 -9.54 0.18
CA ARG A 352 -8.95 -10.61 -0.68
C ARG A 352 -7.98 -10.89 -1.82
N HIS A 353 -7.36 -9.84 -2.36
CA HIS A 353 -6.33 -10.02 -3.39
C HIS A 353 -5.22 -10.95 -2.88
N ALA A 354 -4.73 -10.68 -1.68
CA ALA A 354 -3.63 -11.48 -1.13
C ALA A 354 -4.10 -12.90 -0.81
N GLN A 355 -5.30 -13.04 -0.25
CA GLN A 355 -5.80 -14.38 0.08
C GLN A 355 -5.93 -15.24 -1.16
N ILE A 356 -6.53 -14.69 -2.21
CA ILE A 356 -6.75 -15.43 -3.45
C ILE A 356 -5.42 -15.72 -4.14
N GLY A 357 -4.51 -14.75 -4.15
CA GLY A 357 -3.20 -14.99 -4.74
C GLY A 357 -2.47 -16.12 -4.04
N ILE A 358 -2.47 -16.09 -2.71
CA ILE A 358 -1.77 -17.11 -1.94
C ILE A 358 -2.45 -18.47 -2.11
N GLU A 359 -3.78 -18.49 -2.05
CA GLU A 359 -4.50 -19.76 -2.23
C GLU A 359 -4.13 -20.41 -3.55
N ALA A 360 -4.14 -19.60 -4.62
CA ALA A 360 -3.83 -20.12 -5.94
C ALA A 360 -2.39 -20.59 -6.03
N LEU A 361 -1.45 -19.84 -5.46
CA LEU A 361 -0.05 -20.24 -5.55
C LEU A 361 0.20 -21.55 -4.81
N LEU A 362 -0.43 -21.71 -3.64
CA LEU A 362 -0.20 -22.91 -2.86
C LEU A 362 -0.79 -24.15 -3.53
N LYS A 363 -1.87 -23.99 -4.30
CA LYS A 363 -2.44 -25.13 -5.00
C LYS A 363 -1.60 -25.50 -6.22
N LYS A 364 -1.12 -24.50 -6.97
CA LYS A 364 -0.41 -24.74 -8.21
C LYS A 364 1.07 -25.04 -7.99
N MET A 365 1.67 -24.45 -6.97
CA MET A 365 3.11 -24.56 -6.71
C MET A 365 3.34 -24.89 -5.25
N PRO A 366 2.87 -26.05 -4.81
CA PRO A 366 3.07 -26.41 -3.40
C PRO A 366 4.52 -26.50 -2.97
N GLY A 367 5.45 -26.74 -3.90
CA GLY A 367 6.86 -26.78 -3.58
C GLY A 367 7.59 -25.49 -3.85
N VAL A 368 6.87 -24.36 -3.91
CA VAL A 368 7.51 -23.09 -4.24
C VAL A 368 8.61 -22.78 -3.24
N ASP A 369 9.73 -22.26 -3.76
CA ASP A 369 10.88 -21.88 -2.95
C ASP A 369 11.64 -20.80 -3.73
N LEU A 370 12.42 -20.01 -3.02
CA LEU A 370 13.34 -19.08 -3.69
C LEU A 370 14.31 -19.85 -4.57
N ALA A 371 14.61 -19.29 -5.74
CA ALA A 371 15.59 -19.89 -6.64
C ALA A 371 16.96 -19.24 -6.53
N VAL A 372 17.08 -18.23 -5.68
CA VAL A 372 18.34 -17.56 -5.37
C VAL A 372 18.43 -17.42 -3.86
N PRO A 373 19.63 -17.30 -3.30
CA PRO A 373 19.75 -16.98 -1.88
C PRO A 373 19.04 -15.68 -1.59
N ILE A 374 18.43 -15.59 -0.40
CA ILE A 374 17.55 -14.46 -0.13
C ILE A 374 18.29 -13.14 -0.19
N ASP A 375 19.58 -13.12 0.20
CA ASP A 375 20.33 -11.88 0.15
C ASP A 375 20.50 -11.35 -1.26
N GLN A 376 20.27 -12.18 -2.28
CA GLN A 376 20.44 -11.76 -3.66
C GLN A 376 19.28 -10.95 -4.20
N LEU A 377 18.16 -10.86 -3.47
CA LEU A 377 17.09 -10.00 -3.92
C LEU A 377 17.55 -8.55 -3.93
N VAL A 378 17.11 -7.79 -4.92
CA VAL A 378 17.52 -6.41 -5.12
C VAL A 378 16.39 -5.53 -4.64
N TRP A 379 16.60 -4.79 -3.56
CA TRP A 379 15.52 -4.01 -2.94
C TRP A 379 15.48 -2.60 -3.52
N ARG A 380 14.31 -2.23 -4.04
CA ARG A 380 14.13 -0.92 -4.63
C ARG A 380 14.38 0.18 -3.60
N THR A 381 15.16 1.18 -3.98
CA THR A 381 15.52 2.28 -3.09
C THR A 381 14.76 3.56 -3.43
N ARG A 382 14.70 4.46 -2.44
CA ARG A 382 14.05 5.77 -2.61
CA ARG A 382 14.05 5.76 -2.59
C ARG A 382 12.66 5.64 -3.23
N PHE A 383 11.88 4.71 -2.67
CA PHE A 383 10.55 4.40 -3.15
C PHE A 383 9.62 4.32 -1.94
N GLN A 384 8.33 4.54 -2.17
CA GLN A 384 7.39 4.56 -1.06
C GLN A 384 7.04 3.18 -0.55
N ARG A 385 7.40 2.14 -1.29
CA ARG A 385 7.25 0.75 -0.88
C ARG A 385 8.60 0.08 -0.87
N ARG A 386 8.71 -0.99 -0.09
CA ARG A 386 9.86 -1.87 -0.15
C ARG A 386 9.45 -3.08 -0.97
N ILE A 387 10.16 -3.31 -2.07
CA ILE A 387 9.88 -4.46 -2.92
C ILE A 387 11.17 -4.94 -3.58
N PRO A 388 11.28 -6.23 -3.85
CA PRO A 388 12.40 -6.73 -4.63
C PRO A 388 12.13 -6.46 -6.10
N GLU A 389 13.19 -6.14 -6.84
CA GLU A 389 12.98 -5.83 -8.24
C GLU A 389 12.52 -7.07 -9.02
N ARG A 390 13.05 -8.24 -8.66
CA ARG A 390 12.61 -9.52 -9.19
C ARG A 390 12.49 -10.49 -8.01
N LEU A 391 11.57 -11.44 -8.11
CA LEU A 391 11.39 -12.46 -7.08
C LEU A 391 11.52 -13.84 -7.73
N PRO A 392 12.76 -14.34 -7.92
CA PRO A 392 12.96 -15.59 -8.67
C PRO A 392 12.66 -16.80 -7.79
N VAL A 393 11.76 -17.67 -8.27
CA VAL A 393 11.34 -18.86 -7.54
C VAL A 393 11.44 -20.10 -8.43
N LEU A 394 11.47 -21.24 -7.77
CA LEU A 394 11.30 -22.53 -8.40
C LEU A 394 10.25 -23.31 -7.62
N TRP A 395 9.89 -24.49 -8.12
CA TRP A 395 8.80 -25.22 -7.47
C TRP A 395 8.90 -26.71 -7.79
CHA HEM B . -4.86 4.66 2.71
CHB HEM B . -2.29 0.54 3.19
CHC HEM B . -4.83 -1.31 -0.55
CHD HEM B . -6.54 3.11 -1.64
C1A HEM B . -3.99 3.69 3.18
C2A HEM B . -3.20 3.79 4.39
C3A HEM B . -2.49 2.65 4.51
C4A HEM B . -2.81 1.80 3.40
CMA HEM B . -1.48 2.29 5.62
CAA HEM B . -3.18 4.99 5.35
CBA HEM B . -2.37 6.15 4.76
CGA HEM B . -2.24 7.25 5.77
O1A HEM B . -1.40 8.17 5.55
O2A HEM B . -2.94 7.24 6.81
C1B HEM B . -2.77 -0.32 2.20
C2B HEM B . -2.39 -1.71 2.03
C3B HEM B . -3.08 -2.19 0.99
C4B HEM B . -3.96 -1.16 0.50
CMB HEM B . -1.33 -2.39 2.91
CAB HEM B . -3.10 -3.60 0.36
CBB HEM B . -2.67 -4.71 0.96
C1C HEM B . -5.54 -0.28 -1.14
C2C HEM B . -6.43 -0.42 -2.27
C3C HEM B . -6.89 0.81 -2.54
C4C HEM B . -6.29 1.75 -1.62
CMC HEM B . -6.75 -1.78 -2.92
CAC HEM B . -7.87 1.29 -3.63
CBC HEM B . -8.29 0.57 -4.67
C1D HEM B . -6.18 3.91 -0.56
C2D HEM B . -6.49 5.33 -0.41
C3D HEM B . -6.04 5.76 0.78
C4D HEM B . -5.42 4.63 1.45
CMD HEM B . -7.24 6.14 -1.48
CAD HEM B . -6.18 7.19 1.37
CBD HEM B . -7.36 7.15 2.37
CGD HEM B . -7.60 8.46 3.06
O1D HEM B . -6.78 9.42 2.93
O2D HEM B . -8.62 8.57 3.81
NA HEM B . -3.74 2.46 2.59
NB HEM B . -3.71 -0.01 1.23
NC HEM B . -5.47 1.04 -0.76
ND HEM B . -5.52 3.52 0.60
FE HEM B . -4.60 1.76 0.90
HHB HEM B . -1.80 0.13 3.94
HHC HEM B . -5.11 -2.22 -0.77
HHD HEM B . -6.59 3.55 -2.51
HMA HEM B . -1.94 2.29 6.48
HMAA HEM B . -0.76 2.93 5.63
HMAB HEM B . -1.12 1.39 5.45
HAA HEM B . -2.79 4.73 6.19
HAAA HEM B . -4.10 5.29 5.51
HBA HEM B . -2.81 6.48 3.98
HBAA HEM B . -1.49 5.82 4.52
HMB HEM B . -0.48 -1.92 2.81
HMBA HEM B . -1.22 -3.32 2.63
HMBB HEM B . -1.61 -2.36 3.83
HAB HEM B . -3.44 -3.69 -0.53
HBB HEM B . -2.72 -5.57 0.51
HBBA HEM B . -2.32 -4.67 1.87
HMC HEM B . -5.94 -2.18 -3.25
HMCA HEM B . -7.37 -1.64 -3.66
HMCB HEM B . -7.16 -2.36 -2.26
HAC HEM B . -8.20 2.19 -3.56
HBC HEM B . -7.98 -0.35 -4.79
HBCA HEM B . -8.91 0.94 -5.31
HMD HEM B . -8.12 5.75 -1.64
HMDA HEM B . -6.72 6.13 -2.31
HMDB HEM B . -7.34 7.07 -1.17
HAD HEM B . -5.36 7.43 1.83
HADA HEM B . -6.36 7.82 0.66
HBD HEM B . -8.16 6.90 1.89
HBDA HEM B . -7.17 6.47 3.04
HHA HEM B . -4.84 5.53 3.16
OB YTT C . -1.16 11.91 -1.53
CB YTT C . -2.07 11.18 -1.80
CAB YTT C . -3.12 10.87 -0.74
CBB YTT C . -2.45 10.12 0.44
CGB YTT C . -1.93 8.74 0.02
CD3 YTT C . -2.80 7.70 -0.01
CE3 YTT C . -2.36 6.46 -0.40
CZB YTT C . -1.05 6.26 -0.77
OHB YTT C . -0.57 5.01 -1.17
CE4 YTT C . -0.18 7.30 -0.75
CD4 YTT C . -0.62 8.55 -0.35
NB YTT C . -4.33 10.17 -1.15
NA YTT C . -2.19 10.58 -3.10
CAA YTT C . -3.26 9.62 -3.40
CA YTT C . -4.43 9.53 -2.42
OA YTT C . -5.42 8.96 -2.75
CBA YTT C . -2.60 8.22 -3.56
CGA YTT C . -1.74 8.28 -4.83
CD2 YTT C . -2.26 7.88 -6.03
CE2 YTT C . -1.52 7.96 -7.19
CZA YTT C . -0.24 8.49 -7.16
OHA YTT C . 0.51 8.62 -8.32
CE1 YTT C . 0.29 8.90 -5.95
CD1 YTT C . -0.45 8.79 -4.79
HAB YTT C . -3.41 11.73 -0.39
HBB YTT C . -3.10 10.00 1.15
HBBA YTT C . -1.71 10.65 0.78
HD3 YTT C . -3.70 7.82 0.24
HE3 YTT C . -2.96 5.75 -0.41
HOHB YTT C . 0.24 4.91 -0.93
HE4 YTT C . 0.71 7.18 -0.99
HD4 YTT C . -0.02 9.26 -0.33
HNB YTT C . -4.99 10.12 -0.60
HNA YTT C . -1.58 10.73 -3.69
HAA YTT C . -3.63 9.87 -4.26
HBA YTT C . -3.27 7.54 -3.65
HBAA YTT C . -2.03 8.04 -2.79
HD2 YTT C . -3.14 7.55 -6.07
HE2 YTT C . -1.89 7.71 -8.00
HOHA YTT C . 0.16 9.19 -8.83
HE1 YTT C . 1.16 9.24 -5.92
HD1 YTT C . -0.08 9.09 -3.98
C CYN D . -3.05 2.46 -0.05
N CYN D . -2.17 2.83 -0.70
S SO4 E . 20.77 -2.71 5.12
O1 SO4 E . 21.08 -1.39 5.67
O2 SO4 E . 19.88 -2.51 3.97
O3 SO4 E . 22.00 -3.36 4.68
O4 SO4 E . 20.12 -3.54 6.12
S SO4 F . -6.93 16.02 7.49
O1 SO4 F . -6.47 17.34 7.94
O2 SO4 F . -8.32 16.09 7.03
O3 SO4 F . -6.10 15.56 6.41
O4 SO4 F . -6.84 15.10 8.63
S SO4 G . -9.55 -7.75 16.31
O1 SO4 G . -8.21 -7.30 16.64
O2 SO4 G . -10.48 -6.64 16.44
O3 SO4 G . -9.59 -8.27 14.94
O4 SO4 G . -9.93 -8.82 17.23
S SO4 H . 1.75 -2.99 -23.31
O1 SO4 H . 1.27 -1.69 -22.84
O2 SO4 H . 2.35 -2.83 -24.63
O3 SO4 H . 0.64 -3.93 -23.39
O4 SO4 H . 2.74 -3.53 -22.38
#